data_7BQP
#
_entry.id   7BQP
#
_cell.length_a   97.165
_cell.length_b   146.449
_cell.length_c   89.845
_cell.angle_alpha   90.000
_cell.angle_beta   90.000
_cell.angle_gamma   90.000
#
_symmetry.space_group_name_H-M   'C 2 2 21'
#
loop_
_entity.id
_entity.type
_entity.pdbx_description
1 polymer HpiI
2 non-polymer (4S)-2-METHYL-2,4-PENTANEDIOL
3 non-polymer 1,2-ETHANEDIOL
4 non-polymer GLYCEROL
5 water water
#
_entity_poly.entity_id   1
_entity_poly.type   'polypeptide(L)'
_entity_poly.pdbx_seq_one_letter_code
;MATISNLASDIQSQVDVIDSYLKKHNLQQPSFEVDSPSELPLDANVQRARLKLIETATSLANLAIGSADHLRWHCMNNKY
DDMVLHFLARYNIFDAVPRNESISYVELSQKIGLPEHRLRRIMSMAYTRHLFCEPKPGFVAHTSNSALAINDPLAMAWIL
HNVEEVQPWYANKLVDSTKKWGDTTDPRHTGPNLNAKAGEEKLFYQIMEEDDQGEWNGVKGKGFRLWRLFDTDKFFGTGG
AIKGTNMLRAFDWGKLGKATVVDLSGITGHLSSTVALAYPDLTFIVQERNQSWLEKQFNDKLPAELKGSGRVRFMAHDKY
AQQPVKDVDVFFMSTMLHKEPDEKAITILRHCAEAMDPKKSRIVTRDIVLDGGDPPAEDALESGKGINGKNEVYQAGLGP
TGVITRLNAGIDLQMLAVLNAFERTREDWITLFKTADPRFVLKACIQTVGDCASVMEWVLEEE
;
_entity_poly.pdbx_strand_id   A
#
loop_
_chem_comp.id
_chem_comp.type
_chem_comp.name
_chem_comp.formula
EDO non-polymer 1,2-ETHANEDIOL 'C2 H6 O2'
GOL non-polymer GLYCEROL 'C3 H8 O3'
MPD non-polymer (4S)-2-METHYL-2,4-PENTANEDIOL 'C6 H14 O2'
#
# COMPACT_ATOMS: atom_id res chain seq x y z
N ALA A 2 2.75 9.51 30.05
CA ALA A 2 1.44 9.95 29.56
C ALA A 2 0.42 9.96 30.71
N THR A 3 -0.41 10.99 30.70
CA THR A 3 -1.58 11.06 31.55
C THR A 3 -2.74 11.44 30.65
N ILE A 4 -3.94 11.18 31.11
CA ILE A 4 -5.10 11.53 30.31
C ILE A 4 -5.13 13.03 30.03
N SER A 5 -4.73 13.85 31.02
CA SER A 5 -4.75 15.31 30.84
C SER A 5 -3.72 15.76 29.84
N ASN A 6 -2.50 15.22 29.89
CA ASN A 6 -1.50 15.70 28.93
C ASN A 6 -1.81 15.21 27.51
N LEU A 7 -2.38 14.00 27.37
CA LEU A 7 -2.81 13.57 26.04
C LEU A 7 -3.92 14.47 25.53
N ALA A 8 -4.88 14.83 26.39
CA ALA A 8 -5.95 15.72 25.95
C ALA A 8 -5.41 17.07 25.51
N SER A 9 -4.43 17.62 26.25
CA SER A 9 -3.85 18.90 25.86
CA SER A 9 -3.89 18.90 25.85
C SER A 9 -3.12 18.80 24.54
N ASP A 10 -2.37 17.71 24.33
CA ASP A 10 -1.68 17.55 23.07
C ASP A 10 -2.67 17.41 21.90
N ILE A 11 -3.77 16.70 22.13
CA ILE A 11 -4.83 16.61 21.11
C ILE A 11 -5.35 17.99 20.76
N GLN A 12 -5.58 18.85 21.77
CA GLN A 12 -6.11 20.18 21.46
C GLN A 12 -5.12 20.97 20.64
N SER A 13 -3.82 20.86 20.94
CA SER A 13 -2.81 21.59 20.18
CA SER A 13 -2.81 21.58 20.18
C SER A 13 -2.76 21.13 18.72
N GLN A 14 -2.82 19.80 18.49
CA GLN A 14 -2.76 19.27 17.14
C GLN A 14 -4.00 19.62 16.35
N VAL A 15 -5.17 19.51 16.99
CA VAL A 15 -6.42 19.91 16.35
C VAL A 15 -6.36 21.39 16.01
N ASP A 16 -5.79 22.20 16.88
CA ASP A 16 -5.81 23.64 16.58
C ASP A 16 -4.96 23.92 15.34
N VAL A 17 -3.81 23.27 15.17
CA VAL A 17 -3.02 23.45 13.95
C VAL A 17 -3.86 23.12 12.72
N ILE A 18 -4.53 21.96 12.73
CA ILE A 18 -5.28 21.51 11.56
C ILE A 18 -6.46 22.42 11.31
N ASP A 19 -7.27 22.65 12.34
CA ASP A 19 -8.47 23.48 12.19
C ASP A 19 -8.15 24.90 11.76
N SER A 20 -7.08 25.48 12.28
CA SER A 20 -6.71 26.83 11.88
C SER A 20 -6.35 26.86 10.41
N TYR A 21 -5.60 25.86 9.93
CA TYR A 21 -5.24 25.83 8.53
C TYR A 21 -6.46 25.64 7.64
N LEU A 22 -7.36 24.73 8.01
CA LEU A 22 -8.55 24.54 7.19
C LEU A 22 -9.35 25.84 7.08
N LYS A 23 -9.50 26.54 8.20
CA LYS A 23 -10.33 27.75 8.18
C LYS A 23 -9.63 28.84 7.40
N LYS A 24 -8.34 28.98 7.55
CA LYS A 24 -7.59 30.03 6.87
C LYS A 24 -7.71 29.87 5.35
N HIS A 25 -7.73 28.61 4.87
CA HIS A 25 -7.72 28.32 3.45
C HIS A 25 -9.08 27.91 2.90
N ASN A 26 -10.14 28.12 3.66
CA ASN A 26 -11.49 27.85 3.20
C ASN A 26 -11.67 26.41 2.73
N LEU A 27 -11.05 25.51 3.49
CA LEU A 27 -11.11 24.07 3.18
C LEU A 27 -12.23 23.38 3.93
N GLN A 28 -12.82 22.37 3.27
CA GLN A 28 -13.86 21.57 3.94
C GLN A 28 -13.34 20.85 5.18
N GLN A 29 -14.15 20.82 6.22
CA GLN A 29 -13.83 20.04 7.41
C GLN A 29 -14.10 18.56 7.19
N PRO A 30 -13.16 17.68 7.53
CA PRO A 30 -13.47 16.23 7.52
C PRO A 30 -14.62 15.93 8.46
N SER A 31 -15.42 14.95 8.09
CA SER A 31 -16.51 14.44 8.92
C SER A 31 -16.69 12.95 8.59
N PHE A 32 -17.74 12.36 9.11
CA PHE A 32 -18.14 11.02 8.68
C PHE A 32 -19.25 11.02 7.64
N GLU A 33 -19.62 12.20 7.11
CA GLU A 33 -20.59 12.22 6.04
C GLU A 33 -20.00 11.64 4.76
N VAL A 34 -20.90 11.16 3.88
CA VAL A 34 -20.52 10.55 2.61
C VAL A 34 -19.58 11.42 1.81
N ASP A 35 -19.84 12.74 1.75
CA ASP A 35 -19.02 13.61 0.92
C ASP A 35 -17.96 14.36 1.69
N SER A 36 -17.55 13.86 2.86
CA SER A 36 -16.38 14.45 3.52
C SER A 36 -15.18 14.39 2.57
N PRO A 37 -14.26 15.35 2.67
CA PRO A 37 -12.95 15.13 2.08
C PRO A 37 -12.37 13.81 2.59
N SER A 38 -11.58 13.15 1.74
CA SER A 38 -11.06 11.84 2.09
C SER A 38 -9.69 11.93 2.74
N GLU A 39 -9.11 13.12 2.82
CA GLU A 39 -7.77 13.33 3.35
C GLU A 39 -7.69 14.79 3.77
N LEU A 40 -6.66 15.10 4.50
CA LEU A 40 -6.30 16.44 4.92
C LEU A 40 -5.24 16.99 3.97
N PRO A 41 -5.01 18.32 4.01
CA PRO A 41 -4.05 18.92 3.09
C PRO A 41 -2.67 18.29 3.22
N LEU A 42 -1.92 18.33 2.13
CA LEU A 42 -0.57 17.76 2.16
C LEU A 42 0.48 18.72 2.72
N ASP A 43 0.08 19.94 3.06
CA ASP A 43 0.99 20.85 3.76
C ASP A 43 1.71 20.10 4.89
N ALA A 44 3.01 20.25 4.95
CA ALA A 44 3.81 19.41 5.83
C ALA A 44 3.44 19.62 7.29
N ASN A 45 3.20 20.86 7.71
CA ASN A 45 2.84 21.10 9.10
C ASN A 45 1.46 20.53 9.45
N VAL A 46 0.52 20.57 8.50
CA VAL A 46 -0.77 19.94 8.71
C VAL A 46 -0.60 18.43 8.83
N GLN A 47 0.18 17.83 7.93
CA GLN A 47 0.36 16.38 8.00
C GLN A 47 1.13 15.96 9.25
N ARG A 48 2.08 16.78 9.74
CA ARG A 48 2.73 16.43 10.98
C ARG A 48 1.73 16.43 12.11
N ALA A 49 0.88 17.44 12.17
CA ALA A 49 -0.15 17.52 13.19
C ALA A 49 -1.12 16.34 13.07
N ARG A 50 -1.52 15.99 11.85
CA ARG A 50 -2.40 14.83 11.66
C ARG A 50 -1.78 13.55 12.20
N LEU A 51 -0.51 13.30 11.84
CA LEU A 51 0.12 12.05 12.25
C LEU A 51 0.23 12.00 13.76
N LYS A 52 0.56 13.13 14.39
CA LYS A 52 0.63 13.20 15.84
C LYS A 52 -0.74 13.04 16.47
N LEU A 53 -1.78 13.65 15.86
CA LEU A 53 -3.14 13.54 16.38
C LEU A 53 -3.62 12.09 16.35
N ILE A 54 -3.38 11.38 15.26
CA ILE A 54 -3.82 9.98 15.23
C ILE A 54 -3.19 9.24 16.39
N GLU A 55 -1.89 9.40 16.58
CA GLU A 55 -1.16 8.68 17.61
C GLU A 55 -1.64 9.08 18.99
N THR A 56 -1.84 10.37 19.24
CA THR A 56 -2.20 10.80 20.57
C THR A 56 -3.64 10.41 20.92
N ALA A 57 -4.58 10.52 19.95
CA ALA A 57 -5.93 10.08 20.17
C ALA A 57 -6.00 8.58 20.43
N THR A 58 -5.26 7.81 19.63
CA THR A 58 -5.22 6.35 19.84
C THR A 58 -4.62 6.03 21.20
N SER A 59 -3.57 6.73 21.62
CA SER A 59 -2.99 6.46 22.93
C SER A 59 -3.97 6.78 24.03
N LEU A 60 -4.75 7.87 23.89
CA LEU A 60 -5.71 8.23 24.92
C LEU A 60 -6.82 7.19 25.01
N ALA A 61 -7.30 6.68 23.86
N ALA A 61 -7.31 6.69 23.86
CA ALA A 61 -8.28 5.61 23.90
CA ALA A 61 -8.30 5.62 23.93
C ALA A 61 -7.71 4.37 24.59
C ALA A 61 -7.72 4.38 24.61
N ASN A 62 -6.46 4.04 24.28
CA ASN A 62 -5.80 2.88 24.89
C ASN A 62 -5.69 3.06 26.41
N LEU A 63 -5.27 4.24 26.84
CA LEU A 63 -5.16 4.53 28.28
C LEU A 63 -6.52 4.49 28.99
N ALA A 64 -7.56 5.03 28.35
CA ALA A 64 -8.89 5.02 28.95
C ALA A 64 -9.45 3.61 29.00
N ILE A 65 -9.19 2.77 27.97
CA ILE A 65 -9.58 1.37 28.09
C ILE A 65 -8.89 0.77 29.31
N GLY A 66 -7.58 1.02 29.44
CA GLY A 66 -6.80 0.59 30.57
C GLY A 66 -6.22 -0.80 30.37
N SER A 67 -5.39 -1.24 31.30
CA SER A 67 -4.71 -2.52 31.11
C SER A 67 -5.62 -3.70 31.40
N ALA A 68 -6.58 -3.57 32.32
CA ALA A 68 -7.42 -4.72 32.61
C ALA A 68 -8.26 -5.10 31.40
N ASP A 69 -8.80 -4.12 30.63
CA ASP A 69 -9.60 -4.45 29.47
C ASP A 69 -8.79 -4.56 28.20
N HIS A 70 -7.49 -4.37 28.23
CA HIS A 70 -6.67 -4.31 27.00
C HIS A 70 -6.74 -5.62 26.22
N LEU A 71 -6.28 -6.75 26.79
CA LEU A 71 -6.32 -8.03 26.08
C LEU A 71 -7.72 -8.61 26.06
N ARG A 72 -8.47 -8.43 27.13
CA ARG A 72 -9.84 -8.90 27.18
C ARG A 72 -10.64 -8.40 25.98
N TRP A 73 -10.58 -7.08 25.71
CA TRP A 73 -11.36 -6.53 24.62
C TRP A 73 -10.69 -6.76 23.27
N HIS A 74 -9.36 -6.62 23.21
CA HIS A 74 -8.71 -6.74 21.92
C HIS A 74 -8.94 -8.11 21.30
N CYS A 75 -8.72 -9.18 22.10
CA CYS A 75 -8.80 -10.50 21.52
C CYS A 75 -10.24 -10.90 21.28
N MET A 76 -11.22 -10.25 21.94
CA MET A 76 -12.62 -10.42 21.57
C MET A 76 -12.94 -9.77 20.24
N ASN A 77 -12.64 -8.49 20.10
CA ASN A 77 -13.20 -7.67 19.05
C ASN A 77 -12.45 -7.50 17.75
N ASN A 78 -11.15 -7.34 17.86
CA ASN A 78 -10.37 -6.96 16.71
C ASN A 78 -10.43 -7.83 15.46
N LYS A 79 -10.39 -9.12 15.65
CA LYS A 79 -10.49 -10.02 14.53
C LYS A 79 -11.85 -9.85 13.80
N TYR A 80 -12.88 -9.40 14.50
CA TYR A 80 -14.15 -9.23 13.82
C TYR A 80 -14.19 -8.02 12.93
N ASP A 81 -13.32 -7.03 13.12
CA ASP A 81 -13.31 -5.94 12.15
C ASP A 81 -12.96 -6.48 10.77
N ASP A 82 -12.07 -7.45 10.72
CA ASP A 82 -11.68 -8.07 9.46
C ASP A 82 -12.77 -8.97 8.95
N MET A 83 -13.38 -9.76 9.82
CA MET A 83 -14.47 -10.63 9.37
C MET A 83 -15.63 -9.81 8.82
N VAL A 84 -15.96 -8.69 9.46
CA VAL A 84 -16.98 -7.79 8.93
C VAL A 84 -16.63 -7.34 7.53
N LEU A 85 -15.40 -6.91 7.29
CA LEU A 85 -14.96 -6.54 5.95
C LEU A 85 -15.09 -7.69 4.97
N HIS A 86 -14.79 -8.90 5.42
CA HIS A 86 -14.95 -10.08 4.58
C HIS A 86 -16.38 -10.17 4.07
N PHE A 87 -17.36 -10.06 4.97
CA PHE A 87 -18.77 -10.02 4.57
C PHE A 87 -19.10 -8.86 3.67
N LEU A 88 -18.67 -7.65 4.04
CA LEU A 88 -19.01 -6.49 3.24
C LEU A 88 -18.51 -6.62 1.82
N ALA A 89 -17.32 -7.18 1.64
CA ALA A 89 -16.79 -7.36 0.30
C ALA A 89 -17.49 -8.52 -0.41
N ARG A 90 -17.61 -9.68 0.23
CA ARG A 90 -18.14 -10.83 -0.51
C ARG A 90 -19.62 -10.66 -0.83
N TYR A 91 -20.37 -9.91 -0.04
CA TYR A 91 -21.78 -9.67 -0.34
C TYR A 91 -21.97 -8.35 -1.03
N ASN A 92 -20.91 -7.68 -1.41
CA ASN A 92 -20.96 -6.41 -2.14
C ASN A 92 -21.89 -5.41 -1.48
N ILE A 93 -21.72 -5.24 -0.17
CA ILE A 93 -22.59 -4.36 0.59
C ILE A 93 -22.26 -2.90 0.28
N PHE A 94 -21.01 -2.55 -0.01
CA PHE A 94 -20.72 -1.17 -0.35
C PHE A 94 -21.56 -0.71 -1.55
N ASP A 95 -21.65 -1.56 -2.58
CA ASP A 95 -22.36 -1.17 -3.79
C ASP A 95 -23.84 -1.30 -3.59
N ALA A 96 -24.32 -2.19 -2.71
CA ALA A 96 -25.76 -2.39 -2.52
C ALA A 96 -26.40 -1.28 -1.73
N VAL A 97 -25.66 -0.56 -0.89
CA VAL A 97 -26.20 0.58 -0.16
C VAL A 97 -26.03 1.80 -1.06
N PRO A 98 -27.11 2.47 -1.46
CA PRO A 98 -26.94 3.62 -2.36
C PRO A 98 -26.08 4.70 -1.70
N ARG A 99 -25.29 5.38 -2.53
CA ARG A 99 -24.35 6.37 -1.99
C ARG A 99 -25.06 7.40 -1.12
N ASN A 100 -26.17 7.95 -1.63
CA ASN A 100 -26.75 9.17 -1.04
C ASN A 100 -28.09 8.92 -0.36
N GLU A 101 -28.51 7.65 -0.24
CA GLU A 101 -29.79 7.31 0.35
CA GLU A 101 -29.78 7.37 0.40
C GLU A 101 -29.59 6.25 1.41
N SER A 102 -30.59 6.09 2.27
CA SER A 102 -30.62 4.96 3.19
C SER A 102 -31.38 3.81 2.55
N ILE A 103 -31.18 2.61 3.09
CA ILE A 103 -31.88 1.41 2.62
C ILE A 103 -32.22 0.58 3.83
N SER A 104 -33.44 0.05 3.87
CA SER A 104 -33.80 -0.73 5.02
C SER A 104 -32.96 -2.03 5.09
N TYR A 105 -32.83 -2.58 6.30
CA TYR A 105 -32.22 -3.90 6.43
C TYR A 105 -32.99 -4.94 5.62
N VAL A 106 -34.31 -4.83 5.57
CA VAL A 106 -35.12 -5.77 4.80
C VAL A 106 -34.74 -5.71 3.33
N GLU A 107 -34.69 -4.52 2.77
CA GLU A 107 -34.36 -4.37 1.36
C GLU A 107 -32.91 -4.74 1.07
N LEU A 108 -32.00 -4.34 1.98
CA LEU A 108 -30.58 -4.66 1.78
C LEU A 108 -30.33 -6.15 1.82
N SER A 109 -30.94 -6.82 2.82
CA SER A 109 -30.85 -8.27 2.91
C SER A 109 -31.28 -8.95 1.60
N GLN A 110 -32.42 -8.48 1.06
CA GLN A 110 -32.94 -9.05 -0.16
C GLN A 110 -32.03 -8.77 -1.35
N LYS A 111 -31.50 -7.54 -1.45
CA LYS A 111 -30.63 -7.25 -2.58
C LYS A 111 -29.43 -8.16 -2.64
N ILE A 112 -28.82 -8.45 -1.49
CA ILE A 112 -27.53 -9.15 -1.42
C ILE A 112 -27.66 -10.63 -1.11
N GLY A 113 -28.87 -11.11 -0.79
CA GLY A 113 -29.03 -12.53 -0.44
C GLY A 113 -28.32 -12.94 0.83
N LEU A 114 -28.32 -12.08 1.85
CA LEU A 114 -27.76 -12.43 3.17
C LEU A 114 -28.90 -12.32 4.15
N PRO A 115 -29.28 -13.38 4.85
CA PRO A 115 -30.42 -13.31 5.78
C PRO A 115 -30.28 -12.13 6.72
N GLU A 116 -31.40 -11.45 6.93
CA GLU A 116 -31.42 -10.15 7.60
C GLU A 116 -30.88 -10.23 9.02
N HIS A 117 -31.18 -11.31 9.76
CA HIS A 117 -30.72 -11.36 11.14
C HIS A 117 -29.19 -11.41 11.18
N ARG A 118 -28.56 -12.11 10.23
CA ARG A 118 -27.10 -12.17 10.17
C ARG A 118 -26.53 -10.86 9.65
N LEU A 119 -27.15 -10.27 8.62
CA LEU A 119 -26.75 -8.95 8.15
C LEU A 119 -26.70 -7.94 9.29
N ARG A 120 -27.75 -7.91 10.11
CA ARG A 120 -27.85 -6.96 11.22
C ARG A 120 -26.71 -7.09 12.23
N ARG A 121 -26.26 -8.31 12.46
CA ARG A 121 -25.20 -8.58 13.42
C ARG A 121 -23.85 -8.17 12.88
N ILE A 122 -23.62 -8.34 11.56
CA ILE A 122 -22.42 -7.85 10.91
C ILE A 122 -22.40 -6.32 10.90
N MET A 123 -23.53 -5.68 10.49
CA MET A 123 -23.53 -4.22 10.42
C MET A 123 -23.29 -3.59 11.77
N SER A 124 -23.81 -4.21 12.82
CA SER A 124 -23.61 -3.64 14.15
CA SER A 124 -23.62 -3.66 14.15
C SER A 124 -22.13 -3.47 14.44
N MET A 125 -21.33 -4.45 14.07
CA MET A 125 -19.90 -4.31 14.31
C MET A 125 -19.27 -3.30 13.35
N ALA A 126 -19.70 -3.30 12.08
CA ALA A 126 -19.17 -2.30 11.13
C ALA A 126 -19.33 -0.87 11.62
N TYR A 127 -20.48 -0.56 12.18
CA TYR A 127 -20.76 0.81 12.58
C TYR A 127 -19.76 1.32 13.59
N THR A 128 -19.23 0.41 14.43
CA THR A 128 -18.29 0.81 15.49
C THR A 128 -16.98 1.31 14.95
N ARG A 129 -16.70 1.07 13.65
CA ARG A 129 -15.51 1.63 13.00
C ARG A 129 -15.90 2.77 12.08
N HIS A 130 -17.08 3.34 12.28
CA HIS A 130 -17.55 4.41 11.37
C HIS A 130 -17.57 3.93 9.92
N LEU A 131 -17.97 2.68 9.71
CA LEU A 131 -18.10 2.07 8.38
C LEU A 131 -19.58 1.76 8.25
N PHE A 132 -20.28 2.58 7.46
CA PHE A 132 -21.74 2.63 7.39
C PHE A 132 -22.27 3.15 8.71
N CYS A 133 -23.56 3.45 8.73
CA CYS A 133 -24.23 3.95 9.92
C CYS A 133 -25.68 3.51 9.83
N GLU A 134 -26.41 3.71 10.93
CA GLU A 134 -27.84 3.40 11.03
C GLU A 134 -28.52 4.74 11.28
N PRO A 135 -28.95 5.45 10.25
CA PRO A 135 -29.46 6.82 10.49
C PRO A 135 -30.81 6.87 11.17
N LYS A 136 -31.65 5.87 10.95
CA LYS A 136 -32.91 5.68 11.68
C LYS A 136 -33.02 4.20 11.95
N PRO A 137 -33.75 3.80 13.01
CA PRO A 137 -33.88 2.38 13.29
C PRO A 137 -34.39 1.64 12.06
N GLY A 138 -33.77 0.51 11.74
CA GLY A 138 -34.18 -0.29 10.61
C GLY A 138 -33.50 -0.01 9.28
N PHE A 139 -32.63 1.00 9.21
CA PHE A 139 -32.09 1.47 7.95
C PHE A 139 -30.58 1.63 8.05
N VAL A 140 -29.94 1.49 6.89
CA VAL A 140 -28.48 1.52 6.73
C VAL A 140 -28.14 2.63 5.76
N ALA A 141 -27.07 3.40 6.03
CA ALA A 141 -26.56 4.36 5.07
C ALA A 141 -25.05 4.33 5.07
N HIS A 142 -24.43 4.93 4.06
CA HIS A 142 -22.97 5.04 4.00
C HIS A 142 -22.44 6.08 4.99
N THR A 143 -21.14 5.94 5.25
CA THR A 143 -20.32 6.99 5.89
C THR A 143 -19.24 7.40 4.91
N SER A 144 -18.44 8.38 5.32
CA SER A 144 -17.27 8.74 4.52
C SER A 144 -16.43 7.51 4.17
N ASN A 145 -16.11 6.73 5.20
CA ASN A 145 -15.22 5.60 5.05
C ASN A 145 -15.79 4.56 4.12
N SER A 146 -17.08 4.25 4.22
CA SER A 146 -17.60 3.21 3.37
C SER A 146 -17.88 3.69 1.95
N ALA A 147 -18.29 4.98 1.79
CA ALA A 147 -18.69 5.45 0.47
C ALA A 147 -17.50 5.54 -0.45
N LEU A 148 -16.29 5.75 0.09
CA LEU A 148 -15.12 5.84 -0.75
C LEU A 148 -14.81 4.51 -1.44
N ALA A 149 -15.37 3.40 -0.93
CA ALA A 149 -15.14 2.09 -1.51
C ALA A 149 -16.24 1.63 -2.47
N ILE A 150 -17.26 2.45 -2.68
CA ILE A 150 -18.29 2.14 -3.67
C ILE A 150 -17.65 2.02 -5.05
N ASN A 151 -17.97 0.94 -5.73
CA ASN A 151 -17.53 0.74 -7.12
C ASN A 151 -16.01 0.74 -7.23
N ASP A 152 -15.31 0.24 -6.21
CA ASP A 152 -13.85 0.26 -6.24
C ASP A 152 -13.33 -1.15 -6.06
N PRO A 153 -13.13 -1.89 -7.17
CA PRO A 153 -12.59 -3.23 -7.06
C PRO A 153 -11.19 -3.26 -6.49
N LEU A 154 -10.44 -2.16 -6.57
CA LEU A 154 -9.11 -2.14 -5.95
C LEU A 154 -9.22 -2.25 -4.43
N ALA A 155 -10.18 -1.56 -3.84
CA ALA A 155 -10.37 -1.66 -2.39
C ALA A 155 -10.89 -3.04 -2.03
N MET A 156 -11.80 -3.60 -2.84
CA MET A 156 -12.28 -4.94 -2.54
C MET A 156 -11.16 -5.98 -2.64
N ALA A 157 -10.25 -5.77 -3.60
CA ALA A 157 -9.12 -6.65 -3.73
C ALA A 157 -8.27 -6.63 -2.49
N TRP A 158 -8.07 -5.43 -1.89
CA TRP A 158 -7.23 -5.34 -0.72
C TRP A 158 -7.88 -6.04 0.46
N ILE A 159 -9.20 -5.89 0.66
CA ILE A 159 -9.88 -6.67 1.70
C ILE A 159 -9.66 -8.15 1.48
N LEU A 160 -9.98 -8.65 0.28
CA LEU A 160 -10.06 -10.08 0.08
C LEU A 160 -8.70 -10.74 0.04
N HIS A 161 -7.70 -10.07 -0.54
CA HIS A 161 -6.36 -10.64 -0.49
C HIS A 161 -5.93 -10.85 0.97
N ASN A 162 -6.17 -9.85 1.86
CA ASN A 162 -5.75 -10.01 3.24
C ASN A 162 -6.58 -11.06 3.98
N VAL A 163 -7.90 -11.04 3.85
CA VAL A 163 -8.71 -11.91 4.67
C VAL A 163 -8.79 -13.33 4.14
N GLU A 164 -8.59 -13.55 2.82
CA GLU A 164 -8.72 -14.90 2.25
C GLU A 164 -7.39 -15.51 1.93
N GLU A 165 -6.29 -14.73 1.93
CA GLU A 165 -5.01 -15.31 1.57
C GLU A 165 -3.98 -15.01 2.66
N VAL A 166 -3.64 -13.75 2.87
CA VAL A 166 -2.51 -13.45 3.76
C VAL A 166 -2.77 -13.98 5.16
N GLN A 167 -3.90 -13.67 5.73
CA GLN A 167 -4.13 -14.02 7.12
C GLN A 167 -4.25 -15.52 7.31
N PRO A 168 -5.08 -16.24 6.56
CA PRO A 168 -5.22 -17.68 6.86
C PRO A 168 -4.04 -18.51 6.41
N TRP A 169 -3.42 -18.16 5.28
CA TRP A 169 -2.40 -19.05 4.74
C TRP A 169 -1.01 -18.76 5.31
N TYR A 170 -0.75 -17.51 5.69
CA TYR A 170 0.60 -17.07 6.07
C TYR A 170 0.65 -16.54 7.49
N ALA A 171 -0.08 -15.45 7.83
CA ALA A 171 0.10 -14.83 9.14
C ALA A 171 -0.27 -15.79 10.25
N ASN A 172 -1.41 -16.44 10.08
CA ASN A 172 -1.77 -17.37 11.19
CA ASN A 172 -1.84 -17.46 11.06
C ASN A 172 -0.91 -18.76 11.36
N LYS A 173 0.04 -18.82 10.40
CA LYS A 173 0.97 -19.93 10.46
C LYS A 173 2.40 -19.51 10.72
N LEU A 174 2.65 -18.24 10.99
CA LEU A 174 4.02 -17.75 11.11
C LEU A 174 4.75 -18.30 12.34
N VAL A 175 4.07 -18.47 13.47
CA VAL A 175 4.72 -19.10 14.61
C VAL A 175 5.17 -20.51 14.22
N ASP A 176 4.32 -21.26 13.56
CA ASP A 176 4.70 -22.63 13.19
C ASP A 176 5.80 -22.62 12.15
N SER A 177 5.80 -21.67 11.22
CA SER A 177 6.87 -21.58 10.24
C SER A 177 8.19 -21.24 10.92
N THR A 178 8.15 -20.35 11.90
CA THR A 178 9.35 -19.99 12.65
C THR A 178 9.91 -21.21 13.38
N LYS A 179 9.02 -22.01 13.97
CA LYS A 179 9.49 -23.20 14.67
C LYS A 179 10.05 -24.24 13.72
N LYS A 180 9.51 -24.36 12.52
CA LYS A 180 9.96 -25.39 11.59
C LYS A 180 11.29 -25.03 10.95
N TRP A 181 11.45 -23.80 10.44
CA TRP A 181 12.60 -23.45 9.64
C TRP A 181 13.54 -22.43 10.29
N GLY A 182 13.15 -21.81 11.38
CA GLY A 182 13.94 -20.72 11.94
C GLY A 182 13.79 -19.41 11.17
N ASP A 183 14.75 -18.49 11.30
CA ASP A 183 14.67 -17.16 10.67
C ASP A 183 15.49 -17.23 9.39
N THR A 184 14.83 -17.41 8.25
CA THR A 184 15.47 -17.52 6.93
C THR A 184 14.83 -16.53 5.98
N THR A 185 15.45 -16.32 4.82
CA THR A 185 14.87 -15.47 3.79
C THR A 185 14.32 -16.26 2.63
N ASP A 186 14.05 -17.55 2.81
CA ASP A 186 13.63 -18.39 1.70
C ASP A 186 12.11 -18.35 1.58
N PRO A 187 11.54 -17.87 0.46
CA PRO A 187 10.08 -17.78 0.37
C PRO A 187 9.35 -19.13 0.36
N ARG A 188 10.08 -20.25 0.28
CA ARG A 188 9.46 -21.56 0.50
C ARG A 188 9.16 -21.85 1.95
N HIS A 189 9.84 -21.16 2.86
CA HIS A 189 9.71 -21.42 4.30
C HIS A 189 8.54 -20.61 4.87
N THR A 190 7.38 -20.93 4.32
CA THR A 190 6.16 -20.19 4.62
C THR A 190 5.03 -21.19 4.86
N GLY A 191 3.92 -20.67 5.44
CA GLY A 191 2.87 -21.50 5.96
C GLY A 191 2.33 -22.61 5.07
N PRO A 192 2.11 -22.36 3.76
CA PRO A 192 1.56 -23.45 2.91
C PRO A 192 2.44 -24.67 2.86
N ASN A 193 3.71 -24.58 3.26
CA ASN A 193 4.65 -25.67 3.07
C ASN A 193 4.98 -26.39 4.37
N LEU A 194 4.27 -26.09 5.46
CA LEU A 194 4.60 -26.71 6.74
C LEU A 194 4.62 -28.23 6.64
N ASN A 195 3.77 -28.80 5.81
CA ASN A 195 3.72 -30.26 5.68
C ASN A 195 3.99 -30.73 4.26
N ALA A 196 4.56 -29.87 3.44
CA ALA A 196 4.79 -30.24 2.09
C ALA A 196 5.83 -31.32 1.98
N LYS A 197 5.53 -32.24 1.08
CA LYS A 197 6.41 -33.31 0.74
C LYS A 197 7.54 -32.73 -0.11
N ALA A 198 8.69 -33.39 -0.10
CA ALA A 198 9.89 -32.91 -0.76
C ALA A 198 9.75 -32.52 -2.19
N GLY A 199 10.29 -31.35 -2.51
CA GLY A 199 10.18 -30.77 -3.82
C GLY A 199 8.81 -30.36 -4.28
N GLU A 200 7.83 -30.30 -3.40
CA GLU A 200 6.51 -29.97 -3.73
C GLU A 200 6.06 -28.66 -3.03
N GLU A 201 7.03 -27.89 -2.60
CA GLU A 201 6.73 -26.65 -1.94
C GLU A 201 6.14 -25.68 -2.93
N LYS A 202 5.21 -24.87 -2.47
CA LYS A 202 4.61 -23.85 -3.32
C LYS A 202 5.00 -22.45 -2.84
N LEU A 203 5.43 -21.59 -3.76
CA LEU A 203 5.71 -20.20 -3.43
C LEU A 203 4.40 -19.40 -3.51
N PHE A 204 4.31 -18.33 -2.73
CA PHE A 204 3.14 -17.44 -2.83
C PHE A 204 2.91 -17.03 -4.29
N TYR A 205 3.95 -16.56 -4.97
CA TYR A 205 3.73 -16.06 -6.31
C TYR A 205 3.40 -17.18 -7.31
N GLN A 206 3.82 -18.41 -7.02
CA GLN A 206 3.39 -19.55 -7.82
C GLN A 206 1.89 -19.81 -7.62
N ILE A 207 1.40 -19.81 -6.37
CA ILE A 207 -0.02 -19.98 -6.14
C ILE A 207 -0.80 -18.87 -6.86
N MET A 208 -0.32 -17.62 -6.72
CA MET A 208 -1.01 -16.49 -7.33
C MET A 208 -1.18 -16.69 -8.82
N GLU A 209 -0.10 -17.09 -9.50
CA GLU A 209 -0.13 -17.12 -10.97
C GLU A 209 -0.76 -18.40 -11.52
N GLU A 210 -0.81 -19.46 -10.74
CA GLU A 210 -1.25 -20.75 -11.26
C GLU A 210 -2.70 -21.08 -10.93
N ASP A 211 -3.23 -20.66 -9.79
CA ASP A 211 -4.56 -21.14 -9.46
C ASP A 211 -5.55 -20.64 -10.51
N ASP A 212 -6.36 -21.57 -11.02
CA ASP A 212 -7.37 -21.26 -12.02
C ASP A 212 -8.81 -21.41 -11.53
N GLN A 213 -9.00 -21.68 -10.25
CA GLN A 213 -10.35 -21.94 -9.75
C GLN A 213 -10.95 -20.66 -9.14
N GLY A 214 -11.30 -19.74 -10.01
CA GLY A 214 -11.88 -18.48 -9.61
C GLY A 214 -11.83 -17.45 -10.72
N GLU A 215 -12.28 -16.24 -10.38
CA GLU A 215 -12.29 -15.11 -11.28
C GLU A 215 -12.14 -13.85 -10.43
N TRP A 216 -11.59 -12.81 -11.02
CA TRP A 216 -11.53 -11.53 -10.31
C TRP A 216 -11.48 -10.40 -11.34
N ASN A 217 -12.44 -9.45 -11.29
CA ASN A 217 -12.33 -8.16 -11.98
C ASN A 217 -11.81 -8.27 -13.41
N GLY A 218 -12.44 -9.18 -14.18
CA GLY A 218 -12.15 -9.26 -15.61
C GLY A 218 -11.17 -10.34 -15.99
N VAL A 219 -10.54 -11.02 -15.03
CA VAL A 219 -9.65 -12.14 -15.31
C VAL A 219 -10.32 -13.39 -14.76
N LYS A 220 -10.71 -14.30 -15.66
CA LYS A 220 -11.30 -15.57 -15.26
C LYS A 220 -10.26 -16.67 -15.41
N GLY A 221 -10.22 -17.57 -14.43
CA GLY A 221 -9.33 -18.71 -14.46
C GLY A 221 -7.90 -18.42 -14.06
N LYS A 222 -6.94 -18.98 -14.78
CA LYS A 222 -5.54 -19.01 -14.35
C LYS A 222 -5.03 -17.62 -14.03
N GLY A 223 -4.56 -17.47 -12.80
CA GLY A 223 -3.94 -16.24 -12.35
C GLY A 223 -4.88 -15.17 -11.85
N PHE A 224 -6.14 -15.52 -11.61
CA PHE A 224 -7.07 -14.54 -11.07
C PHE A 224 -6.59 -13.93 -9.74
N ARG A 225 -5.90 -14.72 -8.91
CA ARG A 225 -5.44 -14.21 -7.62
C ARG A 225 -4.30 -13.23 -7.83
N LEU A 226 -3.43 -13.48 -8.83
CA LEU A 226 -2.38 -12.53 -9.14
C LEU A 226 -2.95 -11.23 -9.68
N TRP A 227 -3.98 -11.32 -10.54
CA TRP A 227 -4.63 -10.11 -11.00
C TRP A 227 -5.21 -9.32 -9.83
N ARG A 228 -5.86 -10.02 -8.91
CA ARG A 228 -6.34 -9.34 -7.72
C ARG A 228 -5.20 -8.70 -6.93
N LEU A 229 -4.05 -9.37 -6.85
CA LEU A 229 -2.88 -8.76 -6.18
C LEU A 229 -2.44 -7.51 -6.90
N PHE A 230 -2.45 -7.55 -8.24
CA PHE A 230 -2.09 -6.35 -8.99
C PHE A 230 -3.06 -5.21 -8.70
N ASP A 231 -4.36 -5.53 -8.56
CA ASP A 231 -5.31 -4.51 -8.14
C ASP A 231 -4.95 -3.92 -6.78
N THR A 232 -4.47 -4.75 -5.82
CA THR A 232 -4.10 -4.20 -4.50
C THR A 232 -2.93 -3.24 -4.62
N ASP A 233 -2.00 -3.52 -5.54
CA ASP A 233 -0.86 -2.65 -5.71
C ASP A 233 -1.34 -1.30 -6.24
N LYS A 234 -2.26 -1.34 -7.20
CA LYS A 234 -2.80 -0.10 -7.75
C LYS A 234 -3.59 0.67 -6.69
N PHE A 235 -4.29 -0.05 -5.81
CA PHE A 235 -5.02 0.61 -4.71
C PHE A 235 -4.11 1.52 -3.90
N PHE A 236 -2.87 1.08 -3.64
CA PHE A 236 -1.97 1.93 -2.86
C PHE A 236 -1.47 3.13 -3.66
N GLY A 237 -1.55 3.07 -4.98
CA GLY A 237 -1.18 4.22 -5.79
C GLY A 237 -2.27 5.23 -6.03
N THR A 238 -3.55 4.84 -5.99
CA THR A 238 -4.65 5.75 -6.39
C THR A 238 -4.99 6.77 -5.34
N GLY A 239 -4.56 6.60 -4.10
CA GLY A 239 -4.97 7.53 -3.05
C GLY A 239 -4.27 7.16 -1.75
N GLY A 240 -4.45 8.01 -0.74
CA GLY A 240 -3.92 7.70 0.60
C GLY A 240 -2.43 7.93 0.71
N ALA A 241 -1.86 7.32 1.75
CA ALA A 241 -0.51 7.67 2.21
C ALA A 241 0.53 7.51 1.13
N ILE A 242 0.44 6.43 0.35
CA ILE A 242 1.49 6.07 -0.62
C ILE A 242 1.09 6.46 -2.04
N LYS A 243 0.16 7.40 -2.20
CA LYS A 243 -0.34 7.70 -3.55
C LYS A 243 0.78 8.05 -4.51
N GLY A 244 0.64 7.60 -5.75
CA GLY A 244 1.76 7.72 -6.68
C GLY A 244 2.12 9.16 -7.03
N THR A 245 1.16 10.09 -6.94
CA THR A 245 1.49 11.48 -7.24
C THR A 245 2.51 12.05 -6.26
N ASN A 246 2.71 11.41 -5.08
CA ASN A 246 3.72 11.91 -4.14
C ASN A 246 5.11 11.87 -4.77
N MET A 247 5.33 10.97 -5.71
CA MET A 247 6.62 10.86 -6.36
C MET A 247 6.96 12.12 -7.13
N LEU A 248 5.94 12.85 -7.59
CA LEU A 248 6.21 14.07 -8.36
C LEU A 248 6.74 15.15 -7.46
N ARG A 249 6.54 15.03 -6.15
CA ARG A 249 7.03 15.96 -5.18
C ARG A 249 8.39 15.57 -4.64
N ALA A 250 8.71 14.30 -4.75
CA ALA A 250 9.89 13.76 -4.12
C ALA A 250 11.05 13.57 -5.09
N PHE A 251 10.82 13.81 -6.39
CA PHE A 251 11.83 13.64 -7.43
C PHE A 251 11.40 14.52 -8.58
N ASP A 252 12.38 15.11 -9.27
CA ASP A 252 12.06 16.04 -10.35
C ASP A 252 12.19 15.30 -11.68
N TRP A 253 11.07 14.76 -12.16
CA TRP A 253 11.09 14.02 -13.40
C TRP A 253 11.32 14.93 -14.59
N GLY A 254 11.04 16.23 -14.42
CA GLY A 254 11.22 17.16 -15.52
C GLY A 254 12.68 17.39 -15.87
N LYS A 255 13.59 17.20 -14.90
CA LYS A 255 15.01 17.44 -15.15
C LYS A 255 15.59 16.42 -16.14
N LEU A 256 14.92 15.29 -16.34
CA LEU A 256 15.38 14.28 -17.29
C LEU A 256 15.20 14.69 -18.74
N GLY A 257 14.35 15.68 -19.03
CA GLY A 257 14.08 15.98 -20.43
C GLY A 257 13.44 14.82 -21.17
N LYS A 258 13.76 14.68 -22.44
CA LYS A 258 13.29 13.55 -23.24
C LYS A 258 14.17 12.36 -22.86
N ALA A 259 13.55 11.30 -22.34
CA ALA A 259 14.33 10.23 -21.73
C ALA A 259 13.55 8.92 -21.74
N THR A 260 14.29 7.83 -21.73
CA THR A 260 13.74 6.49 -21.66
C THR A 260 13.89 5.98 -20.24
N VAL A 261 12.77 5.54 -19.65
CA VAL A 261 12.71 4.98 -18.31
C VAL A 261 12.32 3.52 -18.44
N VAL A 262 13.14 2.63 -17.91
CA VAL A 262 12.72 1.24 -17.75
C VAL A 262 12.13 1.13 -16.35
N ASP A 263 10.84 0.78 -16.29
CA ASP A 263 10.12 0.68 -15.01
C ASP A 263 10.06 -0.78 -14.61
N LEU A 264 11.01 -1.17 -13.73
CA LEU A 264 11.03 -2.48 -13.13
C LEU A 264 10.09 -2.59 -11.92
N SER A 265 9.25 -1.57 -11.67
CA SER A 265 8.17 -1.79 -10.71
C SER A 265 7.25 -2.88 -11.18
N GLY A 266 7.15 -3.08 -12.50
CA GLY A 266 6.23 -4.07 -13.05
C GLY A 266 4.78 -3.79 -12.75
N ILE A 267 4.08 -4.84 -12.37
CA ILE A 267 2.63 -4.82 -12.13
C ILE A 267 1.97 -4.35 -13.44
N THR A 268 1.21 -3.26 -13.44
CA THR A 268 0.54 -2.76 -14.64
C THR A 268 1.06 -1.41 -15.05
N GLY A 269 2.19 -0.98 -14.49
CA GLY A 269 2.75 0.31 -14.89
C GLY A 269 1.94 1.52 -14.48
N HIS A 270 1.13 1.40 -13.44
CA HIS A 270 0.24 2.51 -13.06
C HIS A 270 0.99 3.73 -12.54
N LEU A 271 2.18 3.57 -11.98
CA LEU A 271 2.96 4.71 -11.56
C LEU A 271 3.64 5.39 -12.75
N SER A 272 4.18 4.59 -13.68
CA SER A 272 4.66 5.14 -14.95
C SER A 272 3.57 5.95 -15.63
N SER A 273 2.32 5.46 -15.63
CA SER A 273 1.25 6.23 -16.26
C SER A 273 1.07 7.59 -15.61
N THR A 274 1.10 7.65 -14.27
CA THR A 274 0.98 8.92 -13.57
C THR A 274 2.09 9.88 -13.98
N VAL A 275 3.33 9.40 -14.01
CA VAL A 275 4.43 10.28 -14.39
C VAL A 275 4.33 10.67 -15.86
N ALA A 276 4.02 9.71 -16.73
CA ALA A 276 3.91 9.99 -18.17
C ALA A 276 2.87 11.07 -18.46
N LEU A 277 1.73 11.05 -17.76
CA LEU A 277 0.70 12.06 -18.01
C LEU A 277 1.24 13.46 -17.73
N ALA A 278 2.08 13.58 -16.71
CA ALA A 278 2.68 14.83 -16.27
C ALA A 278 3.88 15.25 -17.12
N TYR A 279 4.56 14.30 -17.78
CA TYR A 279 5.82 14.55 -18.50
C TYR A 279 5.76 13.83 -19.83
N PRO A 280 5.26 14.50 -20.88
CA PRO A 280 5.03 13.84 -22.18
C PRO A 280 6.30 13.46 -22.94
N ASP A 281 7.47 13.92 -22.51
CA ASP A 281 8.69 13.58 -23.22
C ASP A 281 9.36 12.31 -22.71
N LEU A 282 8.76 11.66 -21.70
CA LEU A 282 9.29 10.41 -21.15
C LEU A 282 8.65 9.22 -21.83
N THR A 283 9.43 8.18 -22.03
CA THR A 283 8.90 6.90 -22.48
C THR A 283 9.19 5.90 -21.38
N PHE A 284 8.15 5.14 -21.01
CA PHE A 284 8.27 4.14 -19.96
C PHE A 284 8.07 2.75 -20.53
N ILE A 285 9.06 1.91 -20.34
CA ILE A 285 9.00 0.49 -20.71
C ILE A 285 8.85 -0.27 -19.42
N VAL A 286 7.65 -0.79 -19.19
CA VAL A 286 7.30 -1.42 -17.92
C VAL A 286 7.57 -2.89 -18.04
N GLN A 287 8.48 -3.37 -17.21
CA GLN A 287 8.97 -4.74 -17.25
C GLN A 287 8.39 -5.57 -16.10
N GLU A 288 7.85 -6.74 -16.44
CA GLU A 288 7.21 -7.61 -15.45
C GLU A 288 7.20 -9.02 -16.04
N ARG A 289 7.17 -10.02 -15.18
CA ARG A 289 6.95 -11.39 -15.57
C ARG A 289 5.63 -11.49 -16.31
N ASN A 290 5.65 -12.21 -17.44
CA ASN A 290 4.44 -12.23 -18.26
C ASN A 290 3.39 -13.16 -17.67
N GLN A 291 2.12 -12.88 -18.01
CA GLN A 291 0.99 -13.77 -17.75
C GLN A 291 0.10 -13.69 -18.98
N SER A 292 -0.70 -14.74 -19.21
CA SER A 292 -1.50 -14.77 -20.46
C SER A 292 -2.28 -13.48 -20.68
N TRP A 293 -2.90 -12.97 -19.63
CA TRP A 293 -3.78 -11.83 -19.69
C TRP A 293 -3.08 -10.49 -19.48
N LEU A 294 -1.76 -10.48 -19.20
CA LEU A 294 -1.18 -9.23 -18.71
C LEU A 294 -1.12 -8.15 -19.78
N GLU A 295 -0.67 -8.48 -20.99
CA GLU A 295 -0.57 -7.40 -21.97
C GLU A 295 -1.93 -6.78 -22.27
N LYS A 296 -2.97 -7.61 -22.40
CA LYS A 296 -4.30 -7.07 -22.65
C LYS A 296 -4.78 -6.21 -21.49
N GLN A 297 -4.63 -6.70 -20.25
CA GLN A 297 -5.12 -5.91 -19.13
C GLN A 297 -4.30 -4.63 -18.95
N PHE A 298 -2.98 -4.73 -19.10
CA PHE A 298 -2.12 -3.56 -19.02
C PHE A 298 -2.61 -2.47 -19.97
N ASN A 299 -2.83 -2.86 -21.25
CA ASN A 299 -3.27 -1.90 -22.25
C ASN A 299 -4.67 -1.38 -21.98
N ASP A 300 -5.59 -2.23 -21.54
CA ASP A 300 -6.94 -1.75 -21.28
C ASP A 300 -7.00 -0.75 -20.15
N LYS A 301 -6.10 -0.86 -19.15
CA LYS A 301 -6.14 0.00 -17.98
C LYS A 301 -5.34 1.29 -18.14
N LEU A 302 -4.60 1.45 -19.23
CA LEU A 302 -3.89 2.70 -19.42
C LEU A 302 -4.89 3.85 -19.50
N PRO A 303 -4.54 5.01 -18.96
CA PRO A 303 -5.32 6.24 -19.22
C PRO A 303 -5.60 6.39 -20.70
N ALA A 304 -6.81 6.86 -21.04
CA ALA A 304 -7.19 6.96 -22.46
C ALA A 304 -6.16 7.72 -23.28
N GLU A 305 -5.62 8.80 -22.72
CA GLU A 305 -4.68 9.65 -23.43
C GLU A 305 -3.41 8.91 -23.82
N LEU A 306 -3.06 7.87 -23.08
CA LEU A 306 -1.83 7.14 -23.36
C LEU A 306 -2.03 5.92 -24.25
N LYS A 307 -3.26 5.46 -24.45
CA LYS A 307 -3.47 4.24 -25.21
C LYS A 307 -2.94 4.43 -26.63
N GLY A 308 -2.13 3.47 -27.07
CA GLY A 308 -1.63 3.47 -28.44
C GLY A 308 -0.50 4.42 -28.71
N SER A 309 -0.04 5.17 -27.71
CA SER A 309 0.95 6.23 -27.92
C SER A 309 2.37 5.73 -27.83
N GLY A 310 2.58 4.54 -27.30
CA GLY A 310 3.90 4.05 -26.99
C GLY A 310 4.58 4.71 -25.80
N ARG A 311 3.95 5.68 -25.13
CA ARG A 311 4.58 6.39 -24.00
C ARG A 311 4.69 5.50 -22.76
N VAL A 312 3.78 4.55 -22.58
CA VAL A 312 3.83 3.59 -21.48
C VAL A 312 3.50 2.26 -22.10
N ARG A 313 4.46 1.35 -22.12
CA ARG A 313 4.25 0.07 -22.78
C ARG A 313 4.81 -1.08 -21.98
N PHE A 314 4.21 -2.24 -22.15
CA PHE A 314 4.58 -3.42 -21.43
C PHE A 314 5.65 -4.16 -22.20
N MET A 315 6.68 -4.63 -21.48
CA MET A 315 7.71 -5.51 -22.04
C MET A 315 7.88 -6.67 -21.05
N ALA A 316 7.46 -7.88 -21.43
CA ALA A 316 7.70 -9.07 -20.60
C ALA A 316 9.19 -9.17 -20.31
N HIS A 317 9.53 -9.52 -19.07
CA HIS A 317 10.94 -9.51 -18.67
C HIS A 317 11.13 -10.30 -17.40
N ASP A 318 12.23 -11.04 -17.32
CA ASP A 318 12.69 -11.69 -16.09
C ASP A 318 13.63 -10.70 -15.39
N LYS A 319 13.18 -10.14 -14.25
CA LYS A 319 14.01 -9.15 -13.56
C LYS A 319 15.37 -9.69 -13.13
N TYR A 320 15.54 -11.00 -13.09
CA TYR A 320 16.85 -11.55 -12.73
C TYR A 320 17.74 -11.77 -13.94
N ALA A 321 17.30 -11.37 -15.14
CA ALA A 321 18.06 -11.61 -16.36
C ALA A 321 18.64 -10.32 -16.90
N GLN A 322 19.56 -10.47 -17.84
CA GLN A 322 20.18 -9.29 -18.42
C GLN A 322 19.15 -8.37 -19.02
N GLN A 323 19.46 -7.09 -19.02
CA GLN A 323 18.56 -6.02 -19.47
C GLN A 323 18.65 -5.84 -21.00
N PRO A 324 17.55 -6.00 -21.75
CA PRO A 324 17.66 -5.86 -23.22
C PRO A 324 17.54 -4.44 -23.73
N VAL A 325 17.02 -3.47 -22.98
CA VAL A 325 16.77 -2.14 -23.51
C VAL A 325 18.06 -1.36 -23.47
N LYS A 326 18.35 -0.65 -24.58
CA LYS A 326 19.58 0.14 -24.71
C LYS A 326 19.32 1.61 -24.43
N ASP A 327 20.39 2.31 -24.06
CA ASP A 327 20.38 3.75 -23.86
C ASP A 327 19.30 4.17 -22.86
N VAL A 328 19.23 3.43 -21.77
CA VAL A 328 18.25 3.74 -20.72
C VAL A 328 18.77 4.89 -19.87
N ASP A 329 17.94 5.92 -19.71
CA ASP A 329 18.28 7.05 -18.86
C ASP A 329 17.96 6.81 -17.39
N VAL A 330 16.88 6.08 -17.09
CA VAL A 330 16.49 5.83 -15.70
C VAL A 330 16.00 4.39 -15.59
N PHE A 331 16.54 3.66 -14.61
CA PHE A 331 15.89 2.44 -14.13
C PHE A 331 15.07 2.80 -12.90
N PHE A 332 13.76 2.62 -13.00
CA PHE A 332 12.83 3.01 -11.93
C PHE A 332 12.24 1.76 -11.31
N MET A 333 12.23 1.71 -9.97
CA MET A 333 11.60 0.56 -9.32
C MET A 333 10.96 0.96 -8.01
N SER A 334 9.64 0.95 -8.00
CA SER A 334 8.87 1.29 -6.81
C SER A 334 8.36 0.03 -6.15
N THR A 335 8.55 -0.03 -4.83
CA THR A 335 8.10 -1.13 -3.94
C THR A 335 8.30 -2.50 -4.58
N MET A 336 9.50 -2.68 -5.12
CA MET A 336 9.90 -3.92 -5.77
C MET A 336 11.08 -4.55 -5.06
N LEU A 337 12.12 -3.78 -4.79
CA LEU A 337 13.29 -4.32 -4.11
C LEU A 337 13.03 -4.75 -2.68
N HIS A 338 11.99 -4.24 -2.05
CA HIS A 338 11.70 -4.69 -0.69
C HIS A 338 11.24 -6.12 -0.62
N LYS A 339 10.83 -6.74 -1.74
CA LYS A 339 10.49 -8.14 -1.78
C LYS A 339 11.67 -9.05 -2.03
N GLU A 340 12.87 -8.47 -2.18
CA GLU A 340 14.05 -9.17 -2.65
C GLU A 340 15.10 -9.20 -1.53
N PRO A 341 15.42 -10.37 -1.01
CA PRO A 341 16.58 -10.49 -0.10
C PRO A 341 17.85 -10.10 -0.83
N ASP A 342 18.91 -9.87 -0.06
CA ASP A 342 20.09 -9.19 -0.59
C ASP A 342 20.62 -9.83 -1.86
N GLU A 343 20.80 -11.15 -1.88
CA GLU A 343 21.42 -11.75 -3.08
C GLU A 343 20.57 -11.53 -4.34
N LYS A 344 19.24 -11.63 -4.22
CA LYS A 344 18.37 -11.43 -5.38
C LYS A 344 18.32 -9.97 -5.79
N ALA A 345 18.30 -9.06 -4.81
CA ALA A 345 18.33 -7.63 -5.10
C ALA A 345 19.61 -7.26 -5.80
N ILE A 346 20.74 -7.84 -5.36
CA ILE A 346 22.03 -7.58 -5.98
C ILE A 346 22.05 -8.06 -7.43
N THR A 347 21.44 -9.20 -7.72
CA THR A 347 21.37 -9.65 -9.11
C THR A 347 20.65 -8.61 -9.97
N ILE A 348 19.51 -8.10 -9.48
CA ILE A 348 18.74 -7.15 -10.28
C ILE A 348 19.55 -5.90 -10.51
N LEU A 349 20.15 -5.38 -9.42
CA LEU A 349 20.86 -4.11 -9.49
C LEU A 349 22.10 -4.22 -10.34
N ARG A 350 22.77 -5.37 -10.35
CA ARG A 350 23.92 -5.51 -11.25
C ARG A 350 23.49 -5.57 -12.71
N HIS A 351 22.37 -6.22 -13.02
CA HIS A 351 21.90 -6.18 -14.41
C HIS A 351 21.55 -4.76 -14.82
N CYS A 352 20.99 -3.95 -13.90
CA CYS A 352 20.75 -2.55 -14.24
C CYS A 352 22.06 -1.82 -14.45
N ALA A 353 23.02 -2.00 -13.53
CA ALA A 353 24.26 -1.23 -13.60
C ALA A 353 25.03 -1.55 -14.88
N GLU A 354 25.04 -2.81 -15.28
CA GLU A 354 25.74 -3.16 -16.53
C GLU A 354 25.12 -2.52 -17.75
N ALA A 355 23.84 -2.11 -17.68
CA ALA A 355 23.13 -1.44 -18.76
C ALA A 355 23.08 0.08 -18.59
N MET A 356 23.84 0.64 -17.66
CA MET A 356 23.88 2.08 -17.41
C MET A 356 25.13 2.71 -17.99
N ASP A 357 24.94 3.85 -18.63
CA ASP A 357 26.07 4.74 -18.90
C ASP A 357 26.23 5.60 -17.65
N PRO A 358 27.33 5.48 -16.91
CA PRO A 358 27.47 6.26 -15.66
C PRO A 358 27.30 7.75 -15.81
N LYS A 359 27.64 8.32 -16.97
CA LYS A 359 27.55 9.76 -17.13
C LYS A 359 26.14 10.24 -17.42
N LYS A 360 25.23 9.34 -17.78
CA LYS A 360 23.91 9.73 -18.21
C LYS A 360 22.77 9.09 -17.41
N SER A 361 23.01 7.94 -16.79
CA SER A 361 21.94 7.09 -16.27
CA SER A 361 21.90 7.14 -16.27
C SER A 361 21.83 7.21 -14.76
N ARG A 362 20.66 6.84 -14.23
CA ARG A 362 20.48 6.80 -12.79
C ARG A 362 19.47 5.71 -12.50
N ILE A 363 19.45 5.30 -11.22
CA ILE A 363 18.40 4.43 -10.69
C ILE A 363 17.55 5.25 -9.72
N VAL A 364 16.24 5.18 -9.87
CA VAL A 364 15.30 5.83 -8.97
C VAL A 364 14.50 4.71 -8.33
N THR A 365 14.62 4.59 -7.00
CA THR A 365 13.85 3.56 -6.31
C THR A 365 12.86 4.27 -5.38
N ARG A 366 11.82 3.54 -5.05
CA ARG A 366 10.84 4.03 -4.08
C ARG A 366 10.53 2.88 -3.13
N ASP A 367 10.84 3.05 -1.86
CA ASP A 367 10.69 1.99 -0.87
C ASP A 367 10.62 2.62 0.51
N ILE A 368 10.16 1.83 1.46
CA ILE A 368 10.27 2.23 2.86
C ILE A 368 11.74 2.37 3.22
N VAL A 369 12.05 3.45 3.91
CA VAL A 369 13.30 3.65 4.64
C VAL A 369 12.89 3.68 6.11
N LEU A 370 13.24 2.63 6.84
CA LEU A 370 12.60 2.40 8.15
C LEU A 370 12.88 3.50 9.15
N ASP A 371 14.00 4.19 8.96
CA ASP A 371 14.38 5.28 9.85
C ASP A 371 13.85 6.63 9.38
N GLY A 372 13.41 6.70 8.13
CA GLY A 372 12.89 7.94 7.59
C GLY A 372 13.74 8.57 6.51
N GLY A 373 13.12 8.94 5.41
CA GLY A 373 13.76 9.77 4.43
C GLY A 373 13.75 11.22 4.86
N ASP A 374 14.40 12.06 4.05
CA ASP A 374 14.49 13.50 4.31
C ASP A 374 13.27 14.17 3.72
N PRO A 375 12.72 15.18 4.35
CA PRO A 375 11.59 15.82 3.72
C PRO A 375 12.05 16.61 2.50
N PRO A 376 11.11 16.93 1.65
CA PRO A 376 11.39 17.83 0.53
C PRO A 376 11.92 19.16 1.09
N ALA A 377 12.89 19.72 0.38
CA ALA A 377 13.57 20.95 0.82
C ALA A 377 12.73 22.07 1.41
N GLU A 378 11.58 22.36 0.81
CA GLU A 378 10.64 23.35 1.36
C GLU A 378 10.13 22.96 2.78
N ASP A 379 9.96 21.69 3.02
CA ASP A 379 9.48 21.19 4.28
C ASP A 379 10.51 20.90 5.41
N ALA A 380 11.79 21.18 5.20
CA ALA A 380 12.80 20.92 6.25
C ALA A 380 12.64 21.78 7.49
N VAL A 393 12.13 13.52 19.76
CA VAL A 393 13.24 12.86 19.17
C VAL A 393 13.08 12.27 17.79
N TYR A 394 11.84 12.02 17.43
CA TYR A 394 11.55 11.43 16.18
C TYR A 394 10.75 12.38 15.33
N GLN A 395 10.85 12.21 14.04
CA GLN A 395 9.99 12.94 13.14
C GLN A 395 8.52 12.50 13.36
N ALA A 396 7.59 13.41 13.15
CA ALA A 396 6.18 13.10 13.28
C ALA A 396 5.84 11.86 12.47
N GLY A 397 5.15 10.92 13.11
CA GLY A 397 4.83 9.64 12.49
C GLY A 397 5.80 8.52 12.80
N LEU A 398 7.00 8.84 13.22
CA LEU A 398 7.98 7.85 13.60
C LEU A 398 8.02 7.73 15.13
N GLY A 399 9.02 7.01 15.65
CA GLY A 399 9.03 6.69 17.06
C GLY A 399 8.14 5.47 17.36
N PRO A 400 8.16 5.01 18.61
CA PRO A 400 7.61 3.65 18.89
C PRO A 400 6.14 3.53 18.74
N THR A 401 5.37 4.60 18.91
CA THR A 401 3.94 4.57 18.67
C THR A 401 3.52 5.38 17.46
N GLY A 402 4.48 5.74 16.60
CA GLY A 402 4.12 6.53 15.44
C GLY A 402 3.26 5.77 14.45
N VAL A 403 2.38 6.49 13.74
CA VAL A 403 1.51 5.78 12.82
C VAL A 403 2.25 5.36 11.57
N ILE A 404 3.32 6.06 11.22
CA ILE A 404 4.14 5.57 10.10
C ILE A 404 5.03 4.44 10.54
N THR A 405 5.56 4.48 11.77
CA THR A 405 6.22 3.27 12.32
C THR A 405 5.30 2.09 12.23
N ARG A 406 4.04 2.29 12.58
CA ARG A 406 3.10 1.17 12.58
C ARG A 406 2.82 0.67 11.17
N LEU A 407 2.57 1.57 10.18
CA LEU A 407 2.35 1.14 8.81
C LEU A 407 3.58 0.43 8.29
N ASN A 408 4.78 0.97 8.55
CA ASN A 408 6.02 0.30 8.13
C ASN A 408 6.11 -1.09 8.72
N ALA A 409 5.70 -1.26 9.97
CA ALA A 409 5.71 -2.58 10.61
C ALA A 409 4.68 -3.49 9.99
N GLY A 410 3.50 -2.98 9.66
CA GLY A 410 2.51 -3.80 8.97
C GLY A 410 3.02 -4.30 7.64
N ILE A 411 3.62 -3.42 6.86
CA ILE A 411 4.18 -3.84 5.59
C ILE A 411 5.34 -4.80 5.83
N ASP A 412 6.23 -4.49 6.79
CA ASP A 412 7.36 -5.39 7.07
C ASP A 412 6.88 -6.77 7.48
N LEU A 413 5.83 -6.87 8.30
CA LEU A 413 5.32 -8.17 8.72
C LEU A 413 4.59 -8.85 7.58
N GLN A 414 4.00 -8.10 6.63
CA GLN A 414 3.42 -8.72 5.45
C GLN A 414 4.51 -9.33 4.60
N MET A 415 5.63 -8.64 4.44
CA MET A 415 6.76 -9.17 3.71
C MET A 415 7.30 -10.41 4.41
N LEU A 416 7.41 -10.39 5.74
CA LEU A 416 7.88 -11.55 6.48
C LEU A 416 6.96 -12.72 6.29
N ALA A 417 5.65 -12.50 6.52
CA ALA A 417 4.73 -13.62 6.55
C ALA A 417 4.62 -14.27 5.18
N VAL A 418 4.58 -13.48 4.10
CA VAL A 418 4.27 -14.03 2.79
C VAL A 418 5.50 -14.51 2.07
N LEU A 419 6.65 -13.84 2.29
CA LEU A 419 7.85 -14.05 1.48
C LEU A 419 9.12 -14.31 2.27
N ASN A 420 9.13 -14.11 3.59
CA ASN A 420 10.37 -13.97 4.35
C ASN A 420 11.22 -12.83 3.86
N ALA A 421 10.60 -11.84 3.22
CA ALA A 421 11.30 -10.61 2.81
C ALA A 421 11.24 -9.61 3.97
N PHE A 422 11.81 -8.42 3.78
CA PHE A 422 11.99 -7.49 4.90
C PHE A 422 12.18 -6.06 4.42
N GLU A 423 11.77 -5.10 5.25
CA GLU A 423 12.06 -3.69 4.99
C GLU A 423 13.44 -3.33 5.51
N ARG A 424 13.95 -2.19 5.02
CA ARG A 424 15.33 -1.78 5.22
C ARG A 424 15.44 -0.35 5.74
N THR A 425 16.52 -0.12 6.50
CA THR A 425 16.91 1.24 6.89
C THR A 425 17.68 1.91 5.75
N ARG A 426 17.98 3.19 5.90
CA ARG A 426 18.76 3.93 4.92
C ARG A 426 20.14 3.31 4.74
N GLU A 427 20.79 2.99 5.86
CA GLU A 427 22.10 2.39 5.76
C GLU A 427 22.04 1.01 5.10
N ASP A 428 20.98 0.25 5.36
CA ASP A 428 20.81 -1.03 4.70
C ASP A 428 20.76 -0.81 3.17
N TRP A 429 19.98 0.17 2.72
CA TRP A 429 19.90 0.42 1.29
C TRP A 429 21.25 0.81 0.73
N ILE A 430 21.97 1.71 1.42
CA ILE A 430 23.26 2.17 0.91
C ILE A 430 24.24 1.01 0.81
N THR A 431 24.28 0.17 1.84
CA THR A 431 25.17 -1.00 1.83
C THR A 431 24.80 -1.96 0.71
N LEU A 432 23.50 -2.18 0.49
CA LEU A 432 23.07 -3.09 -0.57
C LEU A 432 23.54 -2.59 -1.92
N PHE A 433 23.30 -1.32 -2.22
CA PHE A 433 23.69 -0.78 -3.51
C PHE A 433 25.21 -0.81 -3.69
N LYS A 434 25.96 -0.48 -2.63
CA LYS A 434 27.41 -0.48 -2.75
C LYS A 434 27.95 -1.89 -2.94
N THR A 435 27.31 -2.89 -2.36
CA THR A 435 27.70 -4.28 -2.63
C THR A 435 27.40 -4.65 -4.08
N ALA A 436 26.26 -4.23 -4.61
CA ALA A 436 25.97 -4.47 -6.01
C ALA A 436 27.04 -3.86 -6.90
N ASP A 437 27.40 -2.62 -6.66
CA ASP A 437 28.43 -1.94 -7.44
C ASP A 437 29.00 -0.84 -6.55
N PRO A 438 30.29 -0.89 -6.21
CA PRO A 438 30.82 0.09 -5.25
C PRO A 438 30.82 1.53 -5.76
N ARG A 439 30.45 1.71 -7.02
CA ARG A 439 30.37 3.03 -7.60
C ARG A 439 29.03 3.72 -7.32
N PHE A 440 28.09 3.00 -6.72
CA PHE A 440 26.79 3.61 -6.42
C PHE A 440 26.87 4.61 -5.28
N VAL A 441 26.25 5.76 -5.50
CA VAL A 441 26.14 6.82 -4.50
C VAL A 441 24.67 7.21 -4.39
N LEU A 442 24.18 7.34 -3.15
CA LEU A 442 22.84 7.83 -2.89
C LEU A 442 22.85 9.36 -2.95
N LYS A 443 22.22 9.93 -3.96
CA LYS A 443 22.17 11.38 -4.12
C LYS A 443 21.02 12.04 -3.41
N ALA A 444 19.93 11.33 -3.15
CA ALA A 444 18.76 11.95 -2.52
C ALA A 444 17.89 10.83 -2.01
N CYS A 445 17.23 11.07 -0.86
CA CYS A 445 16.35 10.08 -0.21
C CYS A 445 15.20 10.89 0.39
N ILE A 446 14.11 11.07 -0.35
CA ILE A 446 13.10 12.06 -0.02
C ILE A 446 11.80 11.36 0.32
N GLN A 447 11.26 11.68 1.49
CA GLN A 447 9.99 11.13 1.96
C GLN A 447 9.04 12.29 2.25
N THR A 448 7.92 12.33 1.57
CA THR A 448 6.93 13.35 1.86
C THR A 448 6.18 13.04 3.16
N VAL A 449 5.86 14.08 3.94
CA VAL A 449 5.21 13.89 5.23
C VAL A 449 3.81 13.34 4.99
N GLY A 450 3.47 12.23 5.68
CA GLY A 450 2.24 11.49 5.41
C GLY A 450 2.44 10.20 4.65
N ASP A 451 3.59 10.04 3.99
CA ASP A 451 3.87 8.81 3.24
C ASP A 451 4.94 7.98 3.92
N CYS A 452 4.88 6.66 3.77
CA CYS A 452 5.87 5.80 4.39
C CYS A 452 7.06 5.51 3.49
N ALA A 453 6.94 5.80 2.19
CA ALA A 453 8.02 5.46 1.25
C ALA A 453 8.85 6.67 0.93
N SER A 454 10.10 6.43 0.61
CA SER A 454 11.01 7.47 0.13
C SER A 454 11.35 7.21 -1.34
N VAL A 455 11.65 8.28 -2.06
CA VAL A 455 12.19 8.17 -3.41
C VAL A 455 13.69 8.44 -3.33
N MET A 456 14.47 7.44 -3.74
CA MET A 456 15.91 7.48 -3.64
C MET A 456 16.52 7.54 -5.03
N GLU A 457 17.51 8.41 -5.20
CA GLU A 457 18.15 8.59 -6.49
C GLU A 457 19.57 8.09 -6.37
N TRP A 458 19.98 7.17 -7.26
CA TRP A 458 21.28 6.50 -7.19
C TRP A 458 22.02 6.72 -8.50
N VAL A 459 23.31 7.09 -8.41
CA VAL A 459 24.14 7.22 -9.59
C VAL A 459 25.43 6.43 -9.39
N LEU A 460 26.09 6.18 -10.50
CA LEU A 460 27.37 5.53 -10.48
C LEU A 460 28.47 6.57 -10.60
N GLU A 461 29.30 6.69 -9.59
CA GLU A 461 30.42 7.62 -9.58
C GLU A 461 31.76 6.92 -9.53
N GLU A 462 32.65 7.26 -10.46
CA GLU A 462 33.98 6.65 -10.51
C GLU A 462 34.89 7.21 -9.43
C1 MPD B . 1.63 -1.36 -0.51
C2 MPD B . 2.97 -1.98 -0.63
O2 MPD B . 3.26 -2.33 -1.94
CM MPD B . 3.96 -0.92 -0.33
C3 MPD B . 3.15 -3.18 0.31
C4 MPD B . 2.03 -4.18 0.41
O4 MPD B . 1.77 -4.95 -0.77
C5 MPD B . 2.37 -5.07 1.57
C1 EDO C . -2.08 1.34 17.19
O1 EDO C . -1.18 2.41 17.10
C2 EDO C . -3.55 1.58 16.81
O2 EDO C . -4.43 0.91 17.73
C1 EDO D . 12.68 -29.31 9.11
O1 EDO D . 13.65 -28.25 8.97
C2 EDO D . 11.80 -29.14 7.93
O2 EDO D . 12.65 -28.40 7.07
C1 EDO E . 22.10 10.52 1.48
O1 EDO E . 21.66 10.06 2.77
C2 EDO E . 21.00 11.25 0.73
O2 EDO E . 20.84 12.55 1.32
C1 GOL F . 10.08 12.82 6.44
O1 GOL F . 9.56 13.78 5.51
C2 GOL F . 9.09 11.66 6.57
O2 GOL F . 7.82 12.17 7.01
C3 GOL F . 9.62 10.65 7.58
O3 GOL F . 10.17 11.35 8.71
C1 GOL G . 9.87 -12.31 -4.40
O1 GOL G . 9.50 -13.65 -4.33
C2 GOL G . 9.47 -11.71 -5.69
O2 GOL G . 10.62 -11.92 -6.44
C3 GOL G . 8.40 -12.43 -6.48
O3 GOL G . 8.11 -11.75 -7.67
#